data_6V2P
#
_entry.id   6V2P
#
_cell.length_a   50.981
_cell.length_b   82.277
_cell.length_c   110.866
_cell.angle_alpha   90.00
_cell.angle_beta   90.00
_cell.angle_gamma   90.00
#
_symmetry.space_group_name_H-M   'P 21 21 21'
#
loop_
_entity.id
_entity.type
_entity.pdbx_description
1 polymer 'HLA-B alpha chain (B*5703GB)'
2 polymer Beta-2-microglobulin
3 polymer 'Peptide ALA-SER-LEU-ASN-LEU-PRO-ALA-VAL-SER-TRP'
4 non-polymer DI(HYDROXYETHYL)ETHER
5 non-polymer 'ACETATE ION'
6 water water
#
loop_
_entity_poly.entity_id
_entity_poly.type
_entity_poly.pdbx_seq_one_letter_code
_entity_poly.pdbx_strand_id
1 'polypeptide(L)'
;GSHSMRYFYTAMSRPGRGEPRFIAVGYVDDTQFVRFDSDAASPRMAPRAPWIEQEGPEYWDGETRNMKASAQTYRENLRI
ALRYYNQSEAGSHIIQVMYGCDVGPDGRLLRGHNQYAYDGKDYIALNEDLSSWTAADTAAQITQRKWEAARVAEQLRAYL
EGLCVEWLRRYLENGKETLQRADPPKTHVTHHPISDHEATLRCWALGFYPAEITLTWQRDGEDQTQDTELVETRPAGDRT
FQKWAAVVVPSGEEQRYTCHVQHEGLPKPLTLRWEP
;
A
2 'polypeptide(L)'
;MIQRTPKIQVYSRHPAENGKSNFLNCYVSGFHPSDIEVDLLKNGERIEKVEHSDLSFSKDWSFYLLYYTEFTPTEKDEYA
CRVNHVTLSQPKIVKWDRDM
;
B
3 'polypeptide(L)' ASLNLPAVSW C
#
loop_
_chem_comp.id
_chem_comp.type
_chem_comp.name
_chem_comp.formula
ACT non-polymer 'ACETATE ION' 'C2 H3 O2 -1'
PEG non-polymer DI(HYDROXYETHYL)ETHER 'C4 H10 O3'
#
# COMPACT_ATOMS: atom_id res chain seq x y z
N GLY A 1 3.48 -17.21 -12.25
CA GLY A 1 4.47 -16.12 -12.50
C GLY A 1 5.43 -15.95 -11.34
N SER A 2 6.00 -14.77 -11.23
CA SER A 2 6.86 -14.47 -10.10
C SER A 2 6.03 -13.98 -8.91
N HIS A 3 6.63 -14.04 -7.73
CA HIS A 3 5.92 -13.72 -6.51
C HIS A 3 6.85 -13.06 -5.52
N SER A 4 6.27 -12.39 -4.53
CA SER A 4 7.04 -11.71 -3.51
C SER A 4 6.38 -11.89 -2.15
N MET A 5 7.20 -11.79 -1.12
CA MET A 5 6.72 -11.63 0.25
C MET A 5 7.35 -10.38 0.82
N ARG A 6 6.57 -9.61 1.57
CA ARG A 6 7.06 -8.40 2.20
C ARG A 6 6.47 -8.26 3.59
N TYR A 7 7.29 -7.78 4.52
CA TYR A 7 6.84 -7.28 5.80
C TYR A 7 7.16 -5.79 5.87
N PHE A 8 6.23 -5.03 6.44
CA PHE A 8 6.34 -3.59 6.60
C PHE A 8 6.09 -3.23 8.04
N TYR A 9 7.03 -2.53 8.66
CA TYR A 9 6.85 -2.05 10.02
C TYR A 9 6.80 -0.53 10.03
N THR A 10 5.91 0.04 10.85
CA THR A 10 5.86 1.47 11.12
C THR A 10 5.90 1.67 12.63
N ALA A 11 6.86 2.45 13.11
CA ALA A 11 6.99 2.81 14.52
C ALA A 11 6.88 4.32 14.63
N MET A 12 5.93 4.79 15.45
CA MET A 12 5.54 6.20 15.47
CA MET A 12 5.57 6.21 15.49
C MET A 12 5.60 6.69 16.93
N SER A 13 6.53 7.61 17.24
CA SER A 13 6.53 8.20 18.57
C SER A 13 5.46 9.27 18.71
N ARG A 14 5.09 9.53 19.95
CA ARG A 14 3.99 10.44 20.28
C ARG A 14 4.23 10.95 21.68
N PRO A 15 5.24 11.80 21.88
CA PRO A 15 5.59 12.22 23.23
C PRO A 15 4.39 12.81 23.96
N GLY A 16 4.21 12.38 25.19
CA GLY A 16 3.11 12.79 26.02
C GLY A 16 1.87 11.94 25.89
N ARG A 17 1.88 10.99 24.95
CA ARG A 17 0.73 10.13 24.64
C ARG A 17 1.14 8.67 24.66
N GLY A 18 2.05 8.33 25.59
CA GLY A 18 2.49 6.96 25.79
C GLY A 18 3.68 6.60 24.92
N GLU A 19 3.96 5.31 24.86
CA GLU A 19 5.10 4.81 24.11
C GLU A 19 4.75 4.75 22.63
N PRO A 20 5.77 4.67 21.78
CA PRO A 20 5.50 4.67 20.34
C PRO A 20 4.62 3.51 19.90
N ARG A 21 3.72 3.79 18.97
N ARG A 21 3.71 3.78 18.98
CA ARG A 21 2.91 2.74 18.37
CA ARG A 21 2.90 2.74 18.37
C ARG A 21 3.74 1.98 17.35
C ARG A 21 3.71 1.98 17.32
N PHE A 22 3.58 0.65 17.34
CA PHE A 22 4.25 -0.21 16.39
C PHE A 22 3.19 -1.02 15.65
N ILE A 23 3.16 -0.89 14.33
CA ILE A 23 2.25 -1.63 13.47
C ILE A 23 3.06 -2.38 12.43
N ALA A 24 2.78 -3.66 12.27
CA ALA A 24 3.43 -4.49 11.27
C ALA A 24 2.35 -5.14 10.41
N VAL A 25 2.63 -5.24 9.11
CA VAL A 25 1.77 -5.96 8.19
C VAL A 25 2.65 -6.84 7.30
N GLY A 26 2.09 -7.97 6.88
CA GLY A 26 2.76 -8.86 5.96
C GLY A 26 1.90 -9.07 4.72
N TYR A 27 2.57 -9.16 3.57
CA TYR A 27 1.92 -9.37 2.27
C TYR A 27 2.60 -10.50 1.50
N VAL A 28 1.82 -11.25 0.75
CA VAL A 28 2.30 -12.04 -0.39
C VAL A 28 1.71 -11.37 -1.62
N ASP A 29 2.57 -10.92 -2.53
CA ASP A 29 2.11 -10.16 -3.71
C ASP A 29 1.25 -9.00 -3.20
N ASP A 30 0.04 -8.82 -3.72
CA ASP A 30 -0.84 -7.74 -3.30
C ASP A 30 -1.90 -8.19 -2.31
N THR A 31 -1.64 -9.27 -1.58
CA THR A 31 -2.57 -9.82 -0.59
C THR A 31 -1.97 -9.72 0.80
N GLN A 32 -2.59 -8.91 1.67
CA GLN A 32 -2.16 -8.86 3.05
C GLN A 32 -2.58 -10.16 3.74
N PHE A 33 -1.72 -10.68 4.61
CA PHE A 33 -2.04 -11.93 5.29
C PHE A 33 -1.88 -11.91 6.80
N VAL A 34 -1.15 -10.95 7.37
CA VAL A 34 -1.02 -10.82 8.82
C VAL A 34 -0.94 -9.34 9.19
N ARG A 35 -1.28 -9.06 10.46
CA ARG A 35 -1.09 -7.75 11.05
C ARG A 35 -0.73 -7.89 12.53
N PHE A 36 -0.10 -6.85 13.05
CA PHE A 36 0.16 -6.68 14.48
C PHE A 36 0.05 -5.19 14.77
N ASP A 37 -0.61 -4.84 15.87
CA ASP A 37 -0.75 -3.44 16.28
C ASP A 37 -0.59 -3.36 17.80
N SER A 38 0.45 -2.66 18.26
CA SER A 38 0.70 -2.55 19.69
C SER A 38 -0.40 -1.81 20.44
N ASP A 39 -1.27 -1.08 19.74
CA ASP A 39 -2.37 -0.39 20.40
C ASP A 39 -3.63 -1.23 20.53
N ALA A 40 -3.65 -2.42 19.96
CA ALA A 40 -4.81 -3.30 20.14
C ALA A 40 -4.97 -3.63 21.61
N ALA A 41 -6.22 -3.90 22.01
CA ALA A 41 -6.46 -4.26 23.40
C ALA A 41 -5.59 -5.42 23.83
N SER A 42 -5.46 -6.43 22.96
CA SER A 42 -4.62 -7.60 23.20
CA SER A 42 -4.62 -7.60 23.20
C SER A 42 -3.74 -7.79 21.98
N PRO A 43 -2.56 -7.17 21.97
CA PRO A 43 -1.71 -7.24 20.77
C PRO A 43 -1.29 -8.67 20.45
N ARG A 44 -1.44 -9.04 19.18
CA ARG A 44 -0.98 -10.33 18.71
C ARG A 44 -0.85 -10.27 17.19
N MET A 45 0.01 -11.12 16.64
CA MET A 45 -0.01 -11.30 15.19
C MET A 45 -1.32 -12.00 14.85
N ALA A 46 -2.07 -11.44 13.92
CA ALA A 46 -3.41 -11.92 13.63
C ALA A 46 -3.57 -12.16 12.13
N PRO A 47 -4.38 -13.16 11.77
CA PRO A 47 -4.57 -13.48 10.35
C PRO A 47 -5.43 -12.46 9.64
N ARG A 48 -5.10 -12.23 8.35
CA ARG A 48 -5.87 -11.33 7.51
C ARG A 48 -6.17 -11.95 6.13
N ALA A 49 -5.83 -13.23 5.92
CA ALA A 49 -6.17 -13.96 4.72
C ALA A 49 -6.59 -15.39 5.12
N PRO A 50 -7.50 -16.00 4.37
CA PRO A 50 -8.00 -17.33 4.81
C PRO A 50 -6.92 -18.40 4.90
N TRP A 51 -5.95 -18.38 3.98
CA TRP A 51 -4.99 -19.48 3.84
C TRP A 51 -3.92 -19.49 4.92
N ILE A 52 -3.80 -18.42 5.72
CA ILE A 52 -2.85 -18.42 6.84
C ILE A 52 -3.49 -18.99 8.10
N GLU A 53 -4.83 -19.08 8.13
CA GLU A 53 -5.50 -19.47 9.36
C GLU A 53 -5.13 -20.87 9.80
N GLN A 54 -4.75 -21.74 8.85
CA GLN A 54 -4.40 -23.11 9.19
C GLN A 54 -3.08 -23.24 9.94
N GLU A 55 -2.26 -22.19 10.01
CA GLU A 55 -1.05 -22.29 10.82
C GLU A 55 -1.45 -22.48 12.28
N GLY A 56 -0.68 -23.30 12.99
CA GLY A 56 -1.03 -23.69 14.34
C GLY A 56 -0.62 -22.68 15.39
N PRO A 57 -0.92 -23.01 16.64
CA PRO A 57 -0.64 -22.07 17.74
C PRO A 57 0.83 -21.72 17.89
N GLU A 58 1.73 -22.67 17.58
CA GLU A 58 3.16 -22.37 17.67
C GLU A 58 3.53 -21.25 16.70
N TYR A 59 2.96 -21.26 15.51
CA TYR A 59 3.20 -20.18 14.56
C TYR A 59 2.75 -18.85 15.12
N TRP A 60 1.50 -18.77 15.58
CA TRP A 60 0.95 -17.50 16.04
C TRP A 60 1.66 -17.00 17.28
N ASP A 61 2.00 -17.90 18.21
CA ASP A 61 2.72 -17.46 19.40
C ASP A 61 4.13 -16.98 19.04
N GLY A 62 4.79 -17.67 18.12
CA GLY A 62 6.12 -17.23 17.72
C GLY A 62 6.10 -15.89 17.01
N GLU A 63 5.13 -15.68 16.12
CA GLU A 63 5.03 -14.41 15.42
C GLU A 63 4.70 -13.28 16.39
N THR A 64 3.81 -13.53 17.35
CA THR A 64 3.48 -12.51 18.33
C THR A 64 4.70 -12.15 19.18
N ARG A 65 5.43 -13.16 19.65
CA ARG A 65 6.63 -12.88 20.43
C ARG A 65 7.61 -12.04 19.61
N ASN A 66 7.77 -12.39 18.34
CA ASN A 66 8.70 -11.63 17.51
CA ASN A 66 8.69 -11.64 17.47
C ASN A 66 8.24 -10.19 17.31
N MET A 67 6.95 -9.97 17.11
CA MET A 67 6.47 -8.61 16.94
C MET A 67 6.62 -7.79 18.22
N LYS A 68 6.36 -8.39 19.38
CA LYS A 68 6.53 -7.65 20.63
C LYS A 68 8.00 -7.28 20.83
N ALA A 69 8.91 -8.20 20.49
CA ALA A 69 10.33 -7.88 20.60
C ALA A 69 10.72 -6.78 19.62
N SER A 70 10.21 -6.86 18.38
CA SER A 70 10.51 -5.84 17.39
C SER A 70 9.98 -4.47 17.82
N ALA A 71 8.80 -4.44 18.44
CA ALA A 71 8.27 -3.18 18.92
C ALA A 71 9.21 -2.55 19.94
N GLN A 72 9.72 -3.36 20.86
CA GLN A 72 10.66 -2.83 21.86
C GLN A 72 11.92 -2.32 21.19
N THR A 73 12.46 -3.08 20.24
CA THR A 73 13.66 -2.66 19.52
C THR A 73 13.43 -1.32 18.82
N TYR A 74 12.29 -1.15 18.16
CA TYR A 74 12.05 0.07 17.38
C TYR A 74 11.71 1.27 18.27
N ARG A 75 11.13 1.03 19.45
CA ARG A 75 11.04 2.11 20.43
C ARG A 75 12.44 2.62 20.81
N GLU A 76 13.37 1.70 21.06
CA GLU A 76 14.74 2.13 21.32
C GLU A 76 15.37 2.83 20.12
N ASN A 77 15.12 2.32 18.90
CA ASN A 77 15.70 2.96 17.73
C ASN A 77 15.18 4.37 17.53
N LEU A 78 13.91 4.64 17.90
CA LEU A 78 13.39 6.00 17.83
C LEU A 78 14.19 6.92 18.77
N ARG A 79 14.51 6.45 19.97
CA ARG A 79 15.32 7.26 20.88
C ARG A 79 16.71 7.50 20.33
N ILE A 80 17.31 6.47 19.73
CA ILE A 80 18.66 6.59 19.16
C ILE A 80 18.67 7.59 18.02
N ALA A 81 17.66 7.53 17.14
CA ALA A 81 17.60 8.46 16.02
C ALA A 81 17.54 9.90 16.48
N LEU A 82 16.81 10.18 17.57
CA LEU A 82 16.78 11.55 18.10
C LEU A 82 18.20 12.03 18.39
N ARG A 83 19.01 11.17 19.00
CA ARG A 83 20.39 11.55 19.31
C ARG A 83 21.16 11.82 18.03
N TYR A 84 21.04 10.92 17.05
CA TYR A 84 21.85 11.01 15.85
C TYR A 84 21.56 12.26 15.05
N TYR A 85 20.34 12.79 15.16
CA TYR A 85 19.93 13.99 14.43
C TYR A 85 19.84 15.22 15.31
N ASN A 86 20.30 15.14 16.56
CA ASN A 86 20.29 16.26 17.48
C ASN A 86 18.89 16.83 17.66
N GLN A 87 17.89 15.95 17.78
CA GLN A 87 16.50 16.39 17.83
C GLN A 87 15.95 16.40 19.24
N SER A 88 14.94 17.23 19.45
CA SER A 88 14.31 17.39 20.75
CA SER A 88 14.34 17.37 20.76
C SER A 88 13.39 16.21 21.06
N GLU A 89 13.15 15.99 22.34
CA GLU A 89 12.24 14.93 22.76
C GLU A 89 10.77 15.33 22.60
N ALA A 90 10.49 16.51 22.09
CA ALA A 90 9.11 17.01 22.00
C ALA A 90 8.40 16.59 20.73
N GLY A 91 9.11 16.27 19.65
CA GLY A 91 8.45 15.98 18.40
C GLY A 91 8.10 14.52 18.18
N SER A 92 7.16 14.30 17.27
CA SER A 92 6.78 12.96 16.84
CA SER A 92 6.81 12.95 16.86
C SER A 92 7.58 12.57 15.60
N HIS A 93 8.08 11.33 15.59
CA HIS A 93 8.93 10.84 14.51
C HIS A 93 8.50 9.43 14.15
N ILE A 94 8.93 8.99 12.97
CA ILE A 94 8.52 7.70 12.44
C ILE A 94 9.71 6.94 11.86
N ILE A 95 9.84 5.67 12.24
CA ILE A 95 10.74 4.73 11.56
C ILE A 95 9.89 3.77 10.76
N GLN A 96 10.30 3.53 9.52
CA GLN A 96 9.69 2.49 8.69
C GLN A 96 10.73 1.47 8.26
N VAL A 97 10.30 0.21 8.19
CA VAL A 97 11.15 -0.91 7.79
C VAL A 97 10.41 -1.72 6.72
N MET A 98 11.11 -2.16 5.70
CA MET A 98 10.61 -3.12 4.75
CA MET A 98 10.61 -3.13 4.75
C MET A 98 11.65 -4.22 4.57
N TYR A 99 11.17 -5.45 4.40
CA TYR A 99 12.06 -6.53 3.98
C TYR A 99 11.24 -7.59 3.28
N GLY A 100 11.93 -8.43 2.51
CA GLY A 100 11.29 -9.59 1.93
C GLY A 100 12.06 -10.09 0.73
N CYS A 101 11.45 -11.06 0.06
CA CYS A 101 12.09 -11.79 -1.03
C CYS A 101 11.18 -11.84 -2.24
N ASP A 102 11.82 -11.91 -3.41
CA ASP A 102 11.16 -12.10 -4.70
C ASP A 102 11.62 -13.44 -5.25
N VAL A 103 10.68 -14.25 -5.77
CA VAL A 103 11.00 -15.54 -6.37
C VAL A 103 10.39 -15.60 -7.76
N GLY A 104 11.00 -16.41 -8.63
CA GLY A 104 10.49 -16.63 -9.95
C GLY A 104 9.48 -17.75 -9.99
N PRO A 105 9.02 -18.09 -11.19
CA PRO A 105 8.06 -19.20 -11.34
C PRO A 105 8.56 -20.52 -10.79
N ASP A 106 9.87 -20.74 -10.82
CA ASP A 106 10.47 -21.96 -10.28
C ASP A 106 10.60 -21.94 -8.76
N GLY A 107 10.19 -20.85 -8.12
CA GLY A 107 10.37 -20.69 -6.68
C GLY A 107 11.77 -20.33 -6.26
N ARG A 108 12.67 -20.08 -7.19
CA ARG A 108 14.04 -19.72 -6.83
C ARG A 108 14.13 -18.24 -6.51
N LEU A 109 15.03 -17.90 -5.58
CA LEU A 109 15.25 -16.52 -5.22
C LEU A 109 15.71 -15.70 -6.42
N LEU A 110 15.01 -14.60 -6.67
CA LEU A 110 15.44 -13.60 -7.63
C LEU A 110 16.27 -12.52 -6.94
N ARG A 111 15.77 -11.99 -5.81
CA ARG A 111 16.54 -11.08 -5.00
C ARG A 111 15.84 -10.85 -3.67
N GLY A 112 16.62 -10.36 -2.71
CA GLY A 112 16.10 -9.99 -1.42
C GLY A 112 16.17 -8.48 -1.20
N HIS A 113 15.44 -8.04 -0.17
CA HIS A 113 15.28 -6.62 0.11
C HIS A 113 15.30 -6.39 1.60
N ASN A 114 15.89 -5.26 2.00
CA ASN A 114 15.74 -4.78 3.36
C ASN A 114 16.12 -3.30 3.37
N GLN A 115 15.14 -2.43 3.63
CA GLN A 115 15.36 -1.00 3.65
C GLN A 115 14.71 -0.38 4.87
N TYR A 116 15.28 0.76 5.29
CA TYR A 116 14.85 1.50 6.47
C TYR A 116 14.71 2.97 6.12
N ALA A 117 13.77 3.64 6.77
CA ALA A 117 13.54 5.06 6.62
C ALA A 117 13.33 5.71 7.99
N TYR A 118 13.67 6.99 8.06
CA TYR A 118 13.39 7.82 9.23
C TYR A 118 12.70 9.09 8.74
N ASP A 119 11.53 9.37 9.32
CA ASP A 119 10.70 10.51 8.91
C ASP A 119 10.46 10.55 7.40
N GLY A 120 10.27 9.36 6.81
CA GLY A 120 9.86 9.25 5.43
C GLY A 120 10.97 9.37 4.43
N LYS A 121 12.21 9.47 4.89
CA LYS A 121 13.38 9.53 4.02
C LYS A 121 14.25 8.31 4.21
N ASP A 122 14.86 7.86 3.12
N ASP A 122 14.89 7.89 3.14
CA ASP A 122 15.81 6.76 3.17
CA ASP A 122 15.76 6.72 3.22
C ASP A 122 16.79 6.98 4.33
C ASP A 122 16.86 6.94 4.24
N TYR A 123 17.10 5.90 5.05
CA TYR A 123 18.07 5.92 6.14
C TYR A 123 19.22 4.98 5.80
N ILE A 124 18.96 3.68 5.70
CA ILE A 124 19.98 2.70 5.32
C ILE A 124 19.28 1.59 4.54
N ALA A 125 20.04 0.95 3.63
CA ALA A 125 19.51 -0.14 2.84
C ALA A 125 20.54 -1.23 2.67
N LEU A 126 20.09 -2.48 2.69
CA LEU A 126 20.92 -3.61 2.33
C LEU A 126 21.05 -3.65 0.82
N ASN A 127 22.28 -3.74 0.33
CA ASN A 127 22.50 -3.83 -1.10
C ASN A 127 22.05 -5.19 -1.63
N GLU A 128 21.92 -5.28 -2.96
CA GLU A 128 21.42 -6.49 -3.60
C GLU A 128 22.32 -7.69 -3.34
N ASP A 129 23.60 -7.45 -3.05
CA ASP A 129 24.51 -8.54 -2.68
C ASP A 129 24.17 -9.19 -1.35
N LEU A 130 23.27 -8.60 -0.56
CA LEU A 130 22.89 -9.10 0.75
C LEU A 130 24.09 -9.19 1.68
N SER A 131 25.09 -8.32 1.44
CA SER A 131 26.32 -8.38 2.20
CA SER A 131 26.35 -8.38 2.15
C SER A 131 26.89 -7.02 2.56
N SER A 132 26.45 -5.93 1.92
CA SER A 132 26.94 -4.59 2.20
C SER A 132 25.76 -3.63 2.28
N TRP A 133 26.02 -2.45 2.82
CA TRP A 133 25.00 -1.46 3.13
C TRP A 133 25.23 -0.16 2.37
N THR A 134 24.14 0.56 2.10
CA THR A 134 24.21 1.94 1.63
C THR A 134 23.49 2.83 2.63
N ALA A 135 24.24 3.76 3.23
CA ALA A 135 23.73 4.70 4.21
C ALA A 135 23.46 6.04 3.55
N ALA A 136 22.34 6.67 3.92
CA ALA A 136 21.93 7.89 3.25
C ALA A 136 22.62 9.13 3.76
N ASP A 137 23.17 9.10 4.98
CA ASP A 137 23.71 10.30 5.62
C ASP A 137 24.67 9.88 6.72
N THR A 138 25.26 10.86 7.39
CA THR A 138 26.28 10.57 8.40
C THR A 138 25.70 9.92 9.65
N ALA A 139 24.40 10.11 9.93
CA ALA A 139 23.76 9.39 11.03
C ALA A 139 23.67 7.92 10.71
N ALA A 140 23.14 7.59 9.53
CA ALA A 140 23.02 6.20 9.12
C ALA A 140 24.38 5.52 9.01
N GLN A 141 25.45 6.27 8.74
CA GLN A 141 26.79 5.68 8.72
C GLN A 141 27.19 5.17 10.09
N ILE A 142 26.67 5.77 11.17
CA ILE A 142 26.92 5.23 12.51
C ILE A 142 26.27 3.86 12.65
N THR A 143 25.01 3.75 12.23
CA THR A 143 24.35 2.45 12.21
C THR A 143 25.10 1.47 11.31
N GLN A 144 25.51 1.91 10.13
CA GLN A 144 26.25 1.03 9.23
C GLN A 144 27.48 0.44 9.92
N ARG A 145 28.27 1.29 10.58
CA ARG A 145 29.48 0.79 11.26
C ARG A 145 29.13 -0.23 12.33
N LYS A 146 28.06 0.03 13.10
CA LYS A 146 27.61 -0.92 14.12
C LYS A 146 27.18 -2.23 13.48
N TRP A 147 26.48 -2.15 12.35
CA TRP A 147 25.98 -3.37 11.72
C TRP A 147 27.08 -4.15 11.00
N GLU A 148 28.09 -3.45 10.48
CA GLU A 148 29.25 -4.14 9.94
C GLU A 148 29.99 -4.89 11.04
N ALA A 149 30.19 -4.23 12.19
CA ALA A 149 30.92 -4.86 13.29
C ALA A 149 30.20 -6.09 13.80
N ALA A 150 28.87 -6.07 13.81
CA ALA A 150 28.05 -7.15 14.31
C ALA A 150 27.61 -8.12 13.22
N ARG A 151 28.07 -7.93 11.98
CA ARG A 151 27.74 -8.84 10.87
C ARG A 151 26.22 -9.06 10.76
N VAL A 152 25.47 -7.96 10.81
CA VAL A 152 24.02 -8.01 10.67
C VAL A 152 23.61 -8.46 9.27
N ALA A 153 24.37 -8.05 8.25
CA ALA A 153 24.01 -8.42 6.88
C ALA A 153 23.96 -9.94 6.72
N GLU A 154 24.86 -10.65 7.40
CA GLU A 154 24.88 -12.10 7.29
CA GLU A 154 24.88 -12.11 7.29
C GLU A 154 23.58 -12.71 7.82
N GLN A 155 23.02 -12.14 8.88
CA GLN A 155 21.74 -12.63 9.39
C GLN A 155 20.59 -12.33 8.44
N LEU A 156 20.60 -11.14 7.83
CA LEU A 156 19.58 -10.84 6.83
C LEU A 156 19.69 -11.78 5.64
N ARG A 157 20.91 -11.99 5.15
CA ARG A 157 21.11 -12.90 4.02
C ARG A 157 20.57 -14.29 4.33
N ALA A 158 20.88 -14.80 5.53
CA ALA A 158 20.44 -16.15 5.87
C ALA A 158 18.92 -16.24 5.87
N TYR A 159 18.23 -15.22 6.38
CA TYR A 159 16.78 -15.20 6.35
C TYR A 159 16.25 -15.10 4.92
N LEU A 160 16.78 -14.15 4.15
CA LEU A 160 16.21 -13.84 2.85
C LEU A 160 16.37 -15.01 1.88
N GLU A 161 17.48 -15.74 1.99
CA GLU A 161 17.73 -16.88 1.11
C GLU A 161 17.14 -18.16 1.64
N GLY A 162 16.76 -18.19 2.91
CA GLY A 162 16.32 -19.40 3.55
C GLY A 162 14.85 -19.33 3.93
N LEU A 163 14.58 -18.97 5.18
CA LEU A 163 13.21 -18.99 5.68
C LEU A 163 12.26 -18.12 4.86
N CYS A 164 12.73 -16.97 4.36
CA CYS A 164 11.84 -16.11 3.58
C CYS A 164 11.31 -16.85 2.35
N VAL A 165 12.19 -17.47 1.58
CA VAL A 165 11.76 -18.16 0.38
CA VAL A 165 11.81 -18.20 0.38
C VAL A 165 10.98 -19.42 0.73
N GLU A 166 11.38 -20.14 1.79
CA GLU A 166 10.68 -21.37 2.16
C GLU A 166 9.26 -21.08 2.62
N TRP A 167 9.07 -20.04 3.44
CA TRP A 167 7.71 -19.69 3.85
C TRP A 167 6.90 -19.15 2.68
N LEU A 168 7.51 -18.35 1.81
CA LEU A 168 6.76 -17.86 0.65
C LEU A 168 6.25 -19.03 -0.19
N ARG A 169 7.11 -20.03 -0.45
CA ARG A 169 6.68 -21.19 -1.20
CA ARG A 169 6.68 -21.19 -1.20
C ARG A 169 5.52 -21.91 -0.52
N ARG A 170 5.58 -22.05 0.80
CA ARG A 170 4.49 -22.70 1.53
C ARG A 170 3.19 -21.91 1.39
N TYR A 171 3.26 -20.59 1.58
CA TYR A 171 2.07 -19.76 1.48
C TYR A 171 1.48 -19.82 0.08
N LEU A 172 2.32 -19.81 -0.94
CA LEU A 172 1.83 -19.87 -2.32
C LEU A 172 1.10 -21.18 -2.59
N GLU A 173 1.59 -22.29 -2.01
CA GLU A 173 0.89 -23.56 -2.17
C GLU A 173 -0.42 -23.56 -1.37
N ASN A 174 -0.38 -23.15 -0.11
CA ASN A 174 -1.59 -23.16 0.71
C ASN A 174 -2.64 -22.20 0.17
N GLY A 175 -2.22 -21.09 -0.41
CA GLY A 175 -3.14 -20.12 -0.98
C GLY A 175 -3.26 -20.16 -2.49
N LYS A 176 -2.96 -21.30 -3.11
CA LYS A 176 -2.81 -21.32 -4.57
C LYS A 176 -4.10 -20.91 -5.28
N GLU A 177 -5.26 -21.19 -4.69
CA GLU A 177 -6.54 -20.85 -5.32
CA GLU A 177 -6.54 -20.85 -5.31
C GLU A 177 -6.67 -19.36 -5.62
N THR A 178 -6.07 -18.51 -4.79
CA THR A 178 -6.16 -17.06 -4.93
C THR A 178 -4.82 -16.44 -5.30
N LEU A 179 -3.75 -16.81 -4.59
CA LEU A 179 -2.45 -16.20 -4.84
C LEU A 179 -1.92 -16.53 -6.23
N GLN A 180 -2.30 -17.68 -6.79
CA GLN A 180 -1.86 -18.12 -8.10
C GLN A 180 -2.97 -18.00 -9.15
N ARG A 181 -3.95 -17.14 -8.90
CA ARG A 181 -5.01 -16.84 -9.85
C ARG A 181 -4.96 -15.36 -10.19
N ALA A 182 -4.80 -15.05 -11.47
CA ALA A 182 -4.92 -13.67 -11.93
C ALA A 182 -6.35 -13.47 -12.42
N ASP A 183 -6.98 -12.39 -11.97
CA ASP A 183 -8.31 -11.99 -12.42
C ASP A 183 -8.14 -10.87 -13.43
N PRO A 184 -8.56 -11.05 -14.69
CA PRO A 184 -8.31 -10.00 -15.69
C PRO A 184 -9.20 -8.80 -15.43
N PRO A 185 -8.82 -7.64 -15.95
CA PRO A 185 -9.70 -6.48 -15.82
C PRO A 185 -10.94 -6.61 -16.68
N LYS A 186 -12.05 -6.12 -16.15
CA LYS A 186 -13.26 -5.85 -16.92
C LYS A 186 -13.17 -4.40 -17.38
N THR A 187 -13.31 -4.17 -18.68
CA THR A 187 -12.97 -2.90 -19.29
C THR A 187 -14.15 -2.30 -20.04
N HIS A 188 -14.20 -0.96 -20.05
CA HIS A 188 -15.13 -0.24 -20.91
C HIS A 188 -14.65 1.20 -21.05
N VAL A 189 -15.18 1.89 -22.05
CA VAL A 189 -14.86 3.28 -22.33
C VAL A 189 -16.13 4.10 -22.19
N THR A 190 -16.05 5.19 -21.45
CA THR A 190 -17.15 6.14 -21.34
C THR A 190 -16.79 7.44 -22.06
N HIS A 191 -17.82 8.19 -22.41
CA HIS A 191 -17.71 9.43 -23.16
C HIS A 191 -18.57 10.46 -22.47
N HIS A 192 -17.99 11.61 -22.15
CA HIS A 192 -18.73 12.72 -21.55
C HIS A 192 -18.38 14.03 -22.25
N PRO A 193 -19.30 14.66 -22.97
CA PRO A 193 -19.00 16.00 -23.50
C PRO A 193 -18.64 16.96 -22.38
N ILE A 194 -17.65 17.82 -22.66
CA ILE A 194 -17.24 18.88 -21.72
CA ILE A 194 -17.25 18.87 -21.71
C ILE A 194 -17.83 20.20 -22.20
N SER A 195 -17.95 20.34 -23.51
CA SER A 195 -18.46 21.55 -24.15
C SER A 195 -18.88 21.16 -25.56
N ASP A 196 -19.27 22.14 -26.37
CA ASP A 196 -19.55 21.83 -27.76
C ASP A 196 -18.31 21.38 -28.52
N HIS A 197 -17.11 21.66 -27.98
CA HIS A 197 -15.86 21.51 -28.71
C HIS A 197 -15.10 20.25 -28.33
N GLU A 198 -15.33 19.71 -27.14
CA GLU A 198 -14.45 18.67 -26.62
C GLU A 198 -15.26 17.71 -25.77
N ALA A 199 -14.70 16.52 -25.59
CA ALA A 199 -15.29 15.49 -24.74
C ALA A 199 -14.19 14.71 -24.05
N THR A 200 -14.54 14.11 -22.91
CA THR A 200 -13.65 13.20 -22.20
C THR A 200 -13.94 11.77 -22.61
N LEU A 201 -12.89 11.04 -22.96
CA LEU A 201 -12.94 9.59 -23.08
C LEU A 201 -12.22 9.00 -21.87
N ARG A 202 -12.88 8.10 -21.15
CA ARG A 202 -12.30 7.50 -19.95
C ARG A 202 -12.31 6.00 -20.13
N CYS A 203 -11.14 5.41 -20.04
CA CYS A 203 -10.98 3.96 -20.17
C CYS A 203 -10.84 3.36 -18.78
N TRP A 204 -11.73 2.42 -18.46
CA TRP A 204 -11.86 1.84 -17.14
C TRP A 204 -11.37 0.40 -17.12
N ALA A 205 -10.72 0.03 -16.02
CA ALA A 205 -10.35 -1.35 -15.71
C ALA A 205 -10.81 -1.63 -14.29
N LEU A 206 -11.63 -2.67 -14.13
CA LEU A 206 -12.22 -3.01 -12.85
C LEU A 206 -12.03 -4.50 -12.57
N GLY A 207 -11.97 -4.83 -11.28
CA GLY A 207 -12.04 -6.22 -10.87
C GLY A 207 -10.78 -7.05 -11.10
N PHE A 208 -9.62 -6.43 -11.24
CA PHE A 208 -8.41 -7.15 -11.59
C PHE A 208 -7.53 -7.44 -10.38
N TYR A 209 -6.74 -8.52 -10.52
CA TYR A 209 -5.77 -8.94 -9.50
C TYR A 209 -4.69 -9.67 -10.30
N PRO A 210 -3.39 -9.40 -10.07
CA PRO A 210 -2.84 -8.44 -9.11
C PRO A 210 -2.97 -7.00 -9.59
N ALA A 211 -2.42 -6.07 -8.80
CA ALA A 211 -2.63 -4.65 -9.04
C ALA A 211 -1.90 -4.13 -10.28
N GLU A 212 -0.76 -4.72 -10.64
CA GLU A 212 0.00 -4.23 -11.79
C GLU A 212 -0.84 -4.25 -13.05
N ILE A 213 -0.87 -3.11 -13.75
CA ILE A 213 -1.64 -2.99 -14.99
C ILE A 213 -1.07 -1.81 -15.75
N THR A 214 -1.25 -1.82 -17.07
CA THR A 214 -0.90 -0.67 -17.90
C THR A 214 -2.12 -0.29 -18.71
N LEU A 215 -2.56 0.97 -18.57
CA LEU A 215 -3.63 1.56 -19.36
C LEU A 215 -3.04 2.74 -20.09
N THR A 216 -3.20 2.77 -21.41
CA THR A 216 -2.67 3.85 -22.20
C THR A 216 -3.67 4.24 -23.26
N TRP A 217 -3.68 5.53 -23.56
CA TRP A 217 -4.44 6.02 -24.70
C TRP A 217 -3.48 6.32 -25.85
N GLN A 218 -3.90 5.95 -27.06
CA GLN A 218 -3.19 6.32 -28.26
C GLN A 218 -4.11 7.18 -29.13
N ARG A 219 -3.52 8.15 -29.82
CA ARG A 219 -4.19 8.96 -30.84
C ARG A 219 -3.46 8.68 -32.15
N ASP A 220 -4.17 8.18 -33.15
CA ASP A 220 -3.56 7.81 -34.42
C ASP A 220 -2.35 6.89 -34.18
N GLY A 221 -2.47 5.99 -33.19
CA GLY A 221 -1.45 5.02 -32.91
C GLY A 221 -0.24 5.52 -32.15
N GLU A 222 -0.29 6.74 -31.62
CA GLU A 222 0.82 7.31 -30.86
C GLU A 222 0.40 7.50 -29.43
N ASP A 223 1.23 7.05 -28.48
CA ASP A 223 0.88 7.17 -27.07
C ASP A 223 0.71 8.63 -26.69
N GLN A 224 -0.29 8.89 -25.86
CA GLN A 224 -0.63 10.24 -25.43
C GLN A 224 -0.24 10.47 -23.97
N THR A 225 1.00 10.14 -23.62
CA THR A 225 1.37 10.10 -22.21
C THR A 225 1.16 11.45 -21.54
N GLN A 226 1.61 12.54 -22.18
CA GLN A 226 1.54 13.84 -21.54
C GLN A 226 0.12 14.38 -21.44
N ASP A 227 -0.80 13.90 -22.28
CA ASP A 227 -2.18 14.40 -22.28
C ASP A 227 -3.16 13.45 -21.61
N THR A 228 -2.67 12.36 -21.02
CA THR A 228 -3.54 11.40 -20.36
C THR A 228 -3.56 11.67 -18.86
N GLU A 229 -4.76 11.69 -18.27
CA GLU A 229 -4.90 11.71 -16.83
C GLU A 229 -5.06 10.27 -16.35
N LEU A 230 -4.16 9.82 -15.48
CA LEU A 230 -4.09 8.45 -15.00
C LEU A 230 -4.20 8.49 -13.49
N VAL A 231 -5.28 7.90 -12.95
CA VAL A 231 -5.43 7.84 -11.49
C VAL A 231 -4.59 6.69 -10.94
N GLU A 232 -4.21 6.81 -9.67
CA GLU A 232 -3.53 5.73 -8.98
C GLU A 232 -4.43 4.50 -8.90
N THR A 233 -3.84 3.33 -9.13
CA THR A 233 -4.55 2.08 -8.94
C THR A 233 -5.05 1.98 -7.51
N ARG A 234 -6.30 1.59 -7.34
CA ARG A 234 -6.97 1.69 -6.06
C ARG A 234 -7.66 0.39 -5.70
N PRO A 235 -7.72 0.03 -4.41
CA PRO A 235 -8.34 -1.22 -4.00
C PRO A 235 -9.86 -1.12 -3.95
N ALA A 236 -10.52 -2.17 -4.45
CA ALA A 236 -11.97 -2.20 -4.37
C ALA A 236 -12.48 -2.69 -3.02
N GLY A 237 -11.67 -3.43 -2.27
CA GLY A 237 -12.07 -3.99 -0.98
C GLY A 237 -12.46 -5.46 -1.01
N ASP A 238 -12.50 -6.08 -2.20
CA ASP A 238 -12.80 -7.50 -2.39
C ASP A 238 -11.59 -8.27 -2.94
N ARG A 239 -10.39 -7.74 -2.72
CA ARG A 239 -9.09 -8.21 -3.18
C ARG A 239 -8.68 -7.56 -4.49
N THR A 240 -9.64 -7.11 -5.29
CA THR A 240 -9.35 -6.64 -6.63
C THR A 240 -9.04 -5.15 -6.63
N PHE A 241 -8.59 -4.67 -7.80
CA PHE A 241 -8.15 -3.29 -7.98
C PHE A 241 -8.90 -2.65 -9.14
N GLN A 242 -8.80 -1.33 -9.20
CA GLN A 242 -9.48 -0.52 -10.19
C GLN A 242 -8.51 0.57 -10.68
N LYS A 243 -8.69 1.00 -11.93
CA LYS A 243 -7.90 2.10 -12.47
C LYS A 243 -8.64 2.69 -13.65
N TRP A 244 -8.42 3.97 -13.92
CA TRP A 244 -8.88 4.57 -15.16
C TRP A 244 -7.85 5.52 -15.72
N ALA A 245 -7.99 5.79 -17.03
CA ALA A 245 -7.16 6.72 -17.78
C ALA A 245 -8.09 7.54 -18.65
N ALA A 246 -7.90 8.85 -18.69
CA ALA A 246 -8.78 9.72 -19.46
C ALA A 246 -7.99 10.67 -20.35
N VAL A 247 -8.60 11.00 -21.50
CA VAL A 247 -8.09 12.01 -22.41
C VAL A 247 -9.23 12.92 -22.84
N VAL A 248 -8.89 14.19 -23.06
CA VAL A 248 -9.81 15.17 -23.60
C VAL A 248 -9.57 15.25 -25.09
N VAL A 249 -10.62 15.06 -25.86
CA VAL A 249 -10.47 14.93 -27.31
C VAL A 249 -11.37 15.93 -28.04
N PRO A 250 -10.99 16.34 -29.24
CA PRO A 250 -11.86 17.22 -30.03
C PRO A 250 -13.10 16.46 -30.47
N SER A 251 -14.26 17.09 -30.34
CA SER A 251 -15.51 16.47 -30.78
CA SER A 251 -15.51 16.47 -30.78
C SER A 251 -15.37 16.08 -32.25
N GLY A 252 -15.80 14.86 -32.57
CA GLY A 252 -15.70 14.34 -33.90
C GLY A 252 -14.43 13.56 -34.18
N GLU A 253 -13.47 13.58 -33.27
CA GLU A 253 -12.22 12.83 -33.44
C GLU A 253 -12.15 11.59 -32.56
N GLU A 254 -13.26 11.18 -31.93
CA GLU A 254 -13.22 10.12 -30.93
C GLU A 254 -12.66 8.81 -31.50
N GLN A 255 -12.93 8.49 -32.76
CA GLN A 255 -12.50 7.20 -33.30
C GLN A 255 -11.01 7.17 -33.62
N ARG A 256 -10.31 8.31 -33.51
CA ARG A 256 -8.86 8.31 -33.63
C ARG A 256 -8.16 7.83 -32.37
N TYR A 257 -8.92 7.58 -31.31
CA TYR A 257 -8.35 7.26 -30.00
C TYR A 257 -8.63 5.79 -29.65
N THR A 258 -7.61 5.11 -29.16
CA THR A 258 -7.73 3.74 -28.73
C THR A 258 -7.09 3.58 -27.35
N CYS A 259 -7.74 2.82 -26.50
CA CYS A 259 -7.22 2.51 -25.18
C CYS A 259 -6.61 1.11 -25.21
N HIS A 260 -5.44 0.98 -24.60
CA HIS A 260 -4.68 -0.27 -24.62
C HIS A 260 -4.49 -0.73 -23.19
N VAL A 261 -4.80 -2.00 -22.94
CA VAL A 261 -4.79 -2.56 -21.59
C VAL A 261 -3.88 -3.77 -21.59
N GLN A 262 -2.91 -3.78 -20.67
CA GLN A 262 -2.00 -4.89 -20.44
C GLN A 262 -2.17 -5.34 -19.00
N HIS A 263 -2.34 -6.65 -18.81
CA HIS A 263 -2.50 -7.22 -17.48
C HIS A 263 -2.13 -8.70 -17.56
N GLU A 264 -1.57 -9.23 -16.46
CA GLU A 264 -1.12 -10.62 -16.43
C GLU A 264 -2.25 -11.59 -16.71
N GLY A 265 -3.48 -11.23 -16.36
CA GLY A 265 -4.62 -12.10 -16.58
C GLY A 265 -5.13 -12.12 -18.01
N LEU A 266 -4.61 -11.25 -18.88
CA LEU A 266 -5.03 -11.21 -20.28
C LEU A 266 -4.04 -11.99 -21.12
N PRO A 267 -4.49 -12.99 -21.90
CA PRO A 267 -3.53 -13.67 -22.80
C PRO A 267 -2.93 -12.76 -23.84
N LYS A 268 -3.67 -11.73 -24.26
CA LYS A 268 -3.16 -10.73 -25.20
C LYS A 268 -3.67 -9.37 -24.76
N PRO A 269 -2.90 -8.32 -24.98
CA PRO A 269 -3.37 -6.97 -24.65
C PRO A 269 -4.67 -6.66 -25.37
N LEU A 270 -5.52 -5.86 -24.74
CA LEU A 270 -6.78 -5.46 -25.31
C LEU A 270 -6.64 -4.07 -25.91
N THR A 271 -7.34 -3.84 -27.01
CA THR A 271 -7.53 -2.51 -27.56
C THR A 271 -9.03 -2.22 -27.56
N LEU A 272 -9.40 -1.06 -27.02
CA LEU A 272 -10.78 -0.68 -26.88
C LEU A 272 -10.97 0.72 -27.46
N ARG A 273 -12.19 0.99 -27.91
CA ARG A 273 -12.57 2.31 -28.35
C ARG A 273 -13.95 2.64 -27.80
N TRP A 274 -14.28 3.91 -27.85
CA TRP A 274 -15.63 4.32 -27.50
C TRP A 274 -16.60 3.71 -28.51
N GLU A 275 -17.63 3.04 -28.00
CA GLU A 275 -18.65 2.39 -28.81
C GLU A 275 -19.95 3.18 -28.63
N PRO A 276 -20.25 4.16 -29.51
CA PRO A 276 -21.46 4.97 -29.39
C PRO A 276 -22.70 4.27 -29.94
N MET B 1 9.98 19.82 9.14
CA MET B 1 10.04 18.42 8.66
C MET B 1 9.34 18.33 7.30
N ILE B 2 9.80 17.42 6.45
CA ILE B 2 9.21 17.27 5.12
C ILE B 2 7.97 16.38 5.23
N GLN B 3 6.83 16.91 4.79
CA GLN B 3 5.56 16.23 4.87
C GLN B 3 4.94 16.14 3.49
N ARG B 4 4.02 15.19 3.35
CA ARG B 4 3.37 14.92 2.08
C ARG B 4 1.87 14.86 2.28
N THR B 5 1.11 15.59 1.43
CA THR B 5 -0.32 15.69 1.61
C THR B 5 -1.04 14.51 0.95
N PRO B 6 -2.19 14.09 1.46
CA PRO B 6 -2.86 12.92 0.90
C PRO B 6 -3.50 13.18 -0.46
N LYS B 7 -3.40 12.18 -1.33
CA LYS B 7 -4.30 12.00 -2.46
C LYS B 7 -5.56 11.33 -1.93
N ILE B 8 -6.69 11.61 -2.58
CA ILE B 8 -8.00 11.14 -2.13
C ILE B 8 -8.80 10.68 -3.34
N GLN B 9 -9.33 9.46 -3.29
CA GLN B 9 -10.31 8.98 -4.25
C GLN B 9 -11.50 8.42 -3.50
N VAL B 10 -12.71 8.78 -3.96
CA VAL B 10 -13.97 8.30 -3.40
CA VAL B 10 -13.97 8.29 -3.40
C VAL B 10 -14.70 7.56 -4.51
N TYR B 11 -15.13 6.33 -4.22
CA TYR B 11 -15.65 5.46 -5.27
C TYR B 11 -16.35 4.26 -4.62
N SER B 12 -17.06 3.49 -5.44
CA SER B 12 -17.76 2.32 -4.96
C SER B 12 -17.02 1.03 -5.34
N ARG B 13 -17.25 -0.01 -4.55
CA ARG B 13 -16.61 -1.30 -4.83
C ARG B 13 -17.11 -1.87 -6.15
N HIS B 14 -18.40 -1.79 -6.40
CA HIS B 14 -19.03 -2.26 -7.62
C HIS B 14 -19.69 -1.09 -8.33
N PRO B 15 -19.93 -1.19 -9.64
CA PRO B 15 -20.68 -0.13 -10.32
C PRO B 15 -21.98 0.14 -9.60
N ALA B 16 -22.30 1.42 -9.40
CA ALA B 16 -23.45 1.78 -8.58
C ALA B 16 -24.75 1.50 -9.30
N GLU B 17 -25.72 0.96 -8.55
CA GLU B 17 -27.08 0.74 -9.04
C GLU B 17 -28.00 1.16 -7.92
N ASN B 18 -28.86 2.14 -8.19
CA ASN B 18 -29.76 2.64 -7.16
C ASN B 18 -30.56 1.49 -6.57
N GLY B 19 -30.60 1.44 -5.24
CA GLY B 19 -31.31 0.40 -4.53
C GLY B 19 -30.57 -0.89 -4.32
N LYS B 20 -29.32 -0.99 -4.77
CA LYS B 20 -28.53 -2.21 -4.64
C LYS B 20 -27.38 -1.95 -3.66
N SER B 21 -27.27 -2.81 -2.66
CA SER B 21 -26.24 -2.63 -1.64
C SER B 21 -24.85 -2.76 -2.25
N ASN B 22 -23.91 -1.98 -1.71
CA ASN B 22 -22.59 -1.77 -2.29
C ASN B 22 -21.68 -1.38 -1.13
N PHE B 23 -20.43 -1.03 -1.44
CA PHE B 23 -19.50 -0.47 -0.47
C PHE B 23 -19.01 0.87 -1.01
N LEU B 24 -19.01 1.87 -0.14
CA LEU B 24 -18.42 3.17 -0.43
C LEU B 24 -17.02 3.22 0.16
N ASN B 25 -16.06 3.60 -0.69
CA ASN B 25 -14.64 3.57 -0.39
C ASN B 25 -14.07 4.98 -0.44
N CYS B 26 -13.19 5.29 0.50
CA CYS B 26 -12.36 6.49 0.43
C CYS B 26 -10.92 6.03 0.61
N TYR B 27 -10.15 6.14 -0.45
CA TYR B 27 -8.76 5.69 -0.48
C TYR B 27 -7.88 6.91 -0.35
N VAL B 28 -7.08 6.96 0.71
CA VAL B 28 -6.14 8.04 0.96
C VAL B 28 -4.73 7.47 0.82
N SER B 29 -3.87 8.19 0.12
CA SER B 29 -2.56 7.64 -0.19
C SER B 29 -1.56 8.77 -0.40
N GLY B 30 -0.29 8.41 -0.41
CA GLY B 30 0.74 9.38 -0.70
C GLY B 30 1.08 10.33 0.41
N PHE B 31 0.61 10.08 1.64
CA PHE B 31 0.76 11.04 2.72
C PHE B 31 1.86 10.63 3.70
N HIS B 32 2.37 11.63 4.41
CA HIS B 32 3.37 11.45 5.45
C HIS B 32 3.35 12.71 6.31
N PRO B 33 3.26 12.62 7.65
CA PRO B 33 3.25 11.45 8.51
C PRO B 33 1.92 10.69 8.45
N SER B 34 1.81 9.64 9.26
CA SER B 34 0.71 8.69 9.11
C SER B 34 -0.60 9.10 9.76
N ASP B 35 -0.60 9.99 10.75
CA ASP B 35 -1.84 10.38 11.39
C ASP B 35 -2.72 11.09 10.35
N ILE B 36 -3.98 10.68 10.27
CA ILE B 36 -4.91 11.25 9.30
C ILE B 36 -6.30 11.01 9.85
N GLU B 37 -7.21 11.93 9.55
CA GLU B 37 -8.61 11.83 9.96
CA GLU B 37 -8.60 11.83 9.97
C GLU B 37 -9.45 11.69 8.71
N VAL B 38 -10.24 10.64 8.64
CA VAL B 38 -11.07 10.38 7.46
C VAL B 38 -12.47 10.07 7.94
N ASP B 39 -13.44 10.81 7.41
CA ASP B 39 -14.86 10.54 7.64
C ASP B 39 -15.54 10.32 6.30
N LEU B 40 -16.48 9.38 6.28
CA LEU B 40 -17.40 9.24 5.16
C LEU B 40 -18.70 9.95 5.52
N LEU B 41 -19.24 10.70 4.57
CA LEU B 41 -20.41 11.54 4.79
C LEU B 41 -21.57 11.08 3.93
N LYS B 42 -22.76 11.10 4.53
CA LYS B 42 -24.02 10.90 3.82
C LYS B 42 -24.83 12.17 4.03
N ASN B 43 -25.11 12.88 2.94
CA ASN B 43 -25.84 14.15 3.00
C ASN B 43 -25.23 15.08 4.04
N GLY B 44 -23.89 15.14 4.05
CA GLY B 44 -23.15 16.02 4.91
C GLY B 44 -22.89 15.52 6.31
N GLU B 45 -23.51 14.41 6.72
CA GLU B 45 -23.39 13.92 8.09
C GLU B 45 -22.46 12.72 8.13
N ARG B 46 -21.75 12.57 9.24
CA ARG B 46 -20.77 11.51 9.40
C ARG B 46 -21.44 10.15 9.53
N ILE B 47 -21.00 9.19 8.73
CA ILE B 47 -21.45 7.80 8.84
C ILE B 47 -20.73 7.14 10.01
N GLU B 48 -21.48 6.44 10.87
CA GLU B 48 -20.90 5.78 12.03
C GLU B 48 -20.32 4.41 11.65
N LYS B 49 -19.31 3.97 12.42
CA LYS B 49 -18.78 2.61 12.34
C LYS B 49 -18.06 2.28 11.03
N VAL B 50 -17.54 3.29 10.32
CA VAL B 50 -16.70 3.06 9.15
C VAL B 50 -15.49 2.26 9.56
N GLU B 51 -15.06 1.35 8.69
CA GLU B 51 -13.87 0.56 8.94
C GLU B 51 -12.73 1.03 8.05
N HIS B 52 -11.51 0.61 8.42
CA HIS B 52 -10.37 0.94 7.58
C HIS B 52 -9.36 -0.20 7.56
N SER B 53 -8.53 -0.18 6.53
CA SER B 53 -7.46 -1.14 6.38
C SER B 53 -6.34 -0.87 7.39
N ASP B 54 -5.43 -1.84 7.50
CA ASP B 54 -4.27 -1.70 8.37
C ASP B 54 -3.21 -0.83 7.68
N LEU B 55 -2.59 0.06 8.46
CA LEU B 55 -1.60 1.00 7.92
C LEU B 55 -0.49 0.28 7.18
N SER B 56 -0.26 0.72 5.95
CA SER B 56 0.85 0.23 5.17
CA SER B 56 0.76 0.20 5.06
C SER B 56 1.39 1.38 4.35
N PHE B 57 2.43 1.12 3.56
CA PHE B 57 3.09 2.17 2.84
C PHE B 57 3.67 1.66 1.53
N SER B 58 3.90 2.61 0.63
CA SER B 58 4.42 2.39 -0.71
C SER B 58 5.94 2.45 -0.73
N LYS B 59 6.52 2.18 -1.90
CA LYS B 59 7.98 2.09 -2.01
C LYS B 59 8.65 3.42 -1.66
N ASP B 60 7.96 4.55 -1.86
CA ASP B 60 8.51 5.85 -1.50
C ASP B 60 8.26 6.23 -0.04
N TRP B 61 7.79 5.29 0.77
CA TRP B 61 7.54 5.44 2.20
C TRP B 61 6.24 6.16 2.52
N SER B 62 5.50 6.64 1.55
CA SER B 62 4.25 7.31 1.84
C SER B 62 3.18 6.28 2.18
N PHE B 63 2.28 6.67 3.08
CA PHE B 63 1.26 5.78 3.62
C PHE B 63 0.02 5.72 2.75
N TYR B 64 -0.76 4.66 2.92
CA TYR B 64 -2.07 4.54 2.32
C TYR B 64 -3.00 3.79 3.25
N LEU B 65 -4.28 4.13 3.16
CA LEU B 65 -5.36 3.54 3.91
C LEU B 65 -6.63 3.55 3.07
N LEU B 66 -7.44 2.50 3.19
CA LEU B 66 -8.77 2.43 2.63
C LEU B 66 -9.80 2.49 3.75
N TYR B 67 -10.69 3.49 3.70
CA TYR B 67 -11.85 3.60 4.59
C TYR B 67 -13.08 3.17 3.81
N TYR B 68 -13.96 2.39 4.43
CA TYR B 68 -15.07 1.81 3.70
C TYR B 68 -16.28 1.54 4.59
N THR B 69 -17.45 1.55 3.98
CA THR B 69 -18.69 1.26 4.68
C THR B 69 -19.68 0.70 3.66
N GLU B 70 -20.56 -0.18 4.13
CA GLU B 70 -21.64 -0.68 3.29
C GLU B 70 -22.65 0.44 3.08
N PHE B 71 -23.20 0.54 1.88
CA PHE B 71 -24.23 1.53 1.60
C PHE B 71 -25.08 1.06 0.44
N THR B 72 -26.29 1.61 0.36
CA THR B 72 -27.20 1.36 -0.75
C THR B 72 -27.47 2.70 -1.43
N PRO B 73 -26.85 2.96 -2.58
CA PRO B 73 -27.03 4.28 -3.20
C PRO B 73 -28.45 4.49 -3.71
N THR B 74 -28.82 5.77 -3.78
CA THR B 74 -30.12 6.18 -4.31
C THR B 74 -29.89 7.38 -5.23
N GLU B 75 -30.95 7.80 -5.91
CA GLU B 75 -30.86 9.02 -6.72
C GLU B 75 -30.60 10.23 -5.83
N LYS B 76 -31.24 10.27 -4.66
CA LYS B 76 -31.27 11.47 -3.84
C LYS B 76 -29.97 11.66 -3.05
N ASP B 77 -29.42 10.60 -2.50
CA ASP B 77 -28.42 10.71 -1.47
C ASP B 77 -27.06 11.08 -2.04
N GLU B 78 -26.40 12.03 -1.38
CA GLU B 78 -25.07 12.50 -1.74
C GLU B 78 -24.07 11.92 -0.75
N TYR B 79 -22.95 11.43 -1.27
CA TYR B 79 -21.90 10.89 -0.42
C TYR B 79 -20.59 11.62 -0.69
N ALA B 80 -19.72 11.61 0.31
CA ALA B 80 -18.44 12.29 0.20
C ALA B 80 -17.48 11.72 1.22
N CYS B 81 -16.20 12.07 1.04
CA CYS B 81 -15.14 11.77 1.99
C CYS B 81 -14.53 13.07 2.47
N ARG B 82 -14.32 13.18 3.79
CA ARG B 82 -13.73 14.37 4.40
C ARG B 82 -12.42 13.98 5.07
N VAL B 83 -11.34 14.65 4.70
CA VAL B 83 -9.99 14.26 5.12
C VAL B 83 -9.30 15.45 5.77
N ASN B 84 -8.67 15.20 6.91
CA ASN B 84 -7.78 16.17 7.52
C ASN B 84 -6.43 15.51 7.79
N HIS B 85 -5.38 16.32 7.69
CA HIS B 85 -4.00 15.91 7.82
C HIS B 85 -3.21 17.16 8.20
N VAL B 86 -2.02 16.95 8.77
CA VAL B 86 -1.25 18.11 9.24
C VAL B 86 -0.94 19.05 8.09
N THR B 87 -0.84 18.52 6.86
CA THR B 87 -0.52 19.33 5.69
C THR B 87 -1.68 20.20 5.21
N LEU B 88 -2.89 19.99 5.74
CA LEU B 88 -4.08 20.69 5.28
C LEU B 88 -4.49 21.73 6.31
N SER B 89 -4.73 22.96 5.84
CA SER B 89 -5.15 24.01 6.74
C SER B 89 -6.59 23.79 7.21
N GLN B 90 -7.42 23.21 6.34
CA GLN B 90 -8.82 22.88 6.63
C GLN B 90 -9.08 21.50 6.08
N PRO B 91 -10.13 20.83 6.55
CA PRO B 91 -10.49 19.53 5.97
C PRO B 91 -10.83 19.66 4.50
N LYS B 92 -10.46 18.63 3.73
CA LYS B 92 -10.75 18.53 2.32
C LYS B 92 -11.92 17.58 2.12
N ILE B 93 -12.94 18.01 1.39
CA ILE B 93 -14.11 17.20 1.09
C ILE B 93 -14.08 16.84 -0.38
N VAL B 94 -14.13 15.54 -0.68
CA VAL B 94 -14.22 15.04 -2.05
C VAL B 94 -15.56 14.35 -2.20
N LYS B 95 -16.35 14.80 -3.16
CA LYS B 95 -17.66 14.23 -3.40
C LYS B 95 -17.57 12.95 -4.22
N TRP B 96 -18.44 11.99 -3.90
CA TRP B 96 -18.57 10.79 -4.73
C TRP B 96 -19.26 11.15 -6.05
N ASP B 97 -18.62 10.78 -7.14
CA ASP B 97 -19.14 10.98 -8.49
C ASP B 97 -19.09 9.63 -9.18
N ARG B 98 -20.27 9.05 -9.46
CA ARG B 98 -20.34 7.69 -9.94
C ARG B 98 -19.41 7.43 -11.11
N ASP B 99 -19.18 8.43 -11.96
CA ASP B 99 -18.35 8.28 -13.15
C ASP B 99 -16.88 8.53 -12.88
N MET B 100 -16.38 8.24 -11.68
CA MET B 100 -15.01 8.58 -11.35
C MET B 100 -14.32 7.66 -10.35
N ALA C 1 6.65 -16.03 7.25
CA ALA C 1 7.03 -15.75 8.66
C ALA C 1 8.02 -14.60 8.73
N SER C 2 7.91 -13.81 9.80
CA SER C 2 8.70 -12.61 9.98
C SER C 2 10.14 -12.94 10.37
N LEU C 3 11.01 -11.96 10.14
CA LEU C 3 12.43 -12.04 10.45
C LEU C 3 12.64 -11.90 11.94
N ASN C 4 13.38 -12.83 12.53
CA ASN C 4 13.75 -12.79 13.94
C ASN C 4 15.20 -12.29 13.96
N LEU C 5 15.40 -11.07 14.46
CA LEU C 5 16.70 -10.41 14.48
C LEU C 5 16.96 -9.91 15.90
N PRO C 6 17.40 -10.77 16.79
CA PRO C 6 17.58 -10.36 18.19
C PRO C 6 18.80 -9.48 18.38
N ALA C 7 18.66 -8.47 19.22
CA ALA C 7 19.79 -7.69 19.73
C ALA C 7 20.53 -6.94 18.62
N VAL C 8 19.75 -6.27 17.76
CA VAL C 8 20.28 -5.44 16.68
C VAL C 8 19.61 -4.08 16.87
N SER C 9 20.40 -3.04 17.20
CA SER C 9 19.87 -1.67 17.34
C SER C 9 20.52 -0.75 16.31
N TRP C 10 19.86 0.37 16.05
CA TRP C 10 20.45 1.43 15.22
C TRP C 10 21.66 2.02 15.91
C1 PEG D . 11.06 3.36 -5.29
O1 PEG D . 11.73 2.14 -5.18
C2 PEG D . 10.38 3.51 -6.65
O2 PEG D . 8.99 3.38 -6.61
C3 PEG D . 8.28 4.43 -6.02
C4 PEG D . 7.99 5.56 -7.01
O4 PEG D . 7.33 6.59 -6.31
C ACT E . -16.63 2.12 -9.53
O ACT E . -16.01 2.63 -8.56
OXT ACT E . -16.98 0.92 -9.71
CH3 ACT E . -17.01 3.10 -10.67
#